data_1YJ7
#
_entry.id   1YJ7
#
_cell.length_a   164.817
_cell.length_b   164.817
_cell.length_c   67.179
_cell.angle_alpha   90.00
_cell.angle_beta   90.00
_cell.angle_gamma   120.00
#
_symmetry.space_group_name_H-M   'P 65'
#
loop_
_entity.id
_entity.type
_entity.pdbx_description
1 polymer escJ
2 non-polymer 'PHOSPHATE ION'
3 non-polymer GLYCEROL
4 water water
#
_entity_poly.entity_id   1
_entity_poly.type   'polypeptide(L)'
_entity_poly.pdbx_seq_one_letter_code
;MKEQLYTGLTEKEANQMQALLLSNDVNVSKEMDKSGNMTLSVAAADFVRAITILNNNGFPKKKFADIEVIFPPSQLVASP
SQENAKINYLKEQDIERLLSKIPGVIDCSVSLNVNNNESQPSSAAVLVISSPEVNLAPSVIQIKNLVKNSVDDLKLENIS
VVIKSSSGQDG
;
_entity_poly.pdbx_strand_id   A,B,C,D
#
loop_
_chem_comp.id
_chem_comp.type
_chem_comp.name
_chem_comp.formula
GOL non-polymer GLYCEROL 'C3 H8 O3'
PO4 non-polymer 'PHOSPHATE ION' 'O4 P -3'
#
# COMPACT_ATOMS: atom_id res chain seq x y z
N MET A 1 -49.77 -16.80 -5.60
CA MET A 1 -49.12 -17.32 -4.37
C MET A 1 -47.62 -17.43 -4.60
N LYS A 2 -46.86 -16.99 -3.61
CA LYS A 2 -45.40 -17.04 -3.59
C LYS A 2 -45.00 -18.16 -2.66
N GLU A 3 -43.83 -18.76 -2.90
CA GLU A 3 -43.31 -19.80 -2.03
C GLU A 3 -41.85 -19.54 -1.74
N GLN A 4 -41.49 -19.54 -0.46
CA GLN A 4 -40.11 -19.32 -0.04
C GLN A 4 -39.30 -20.51 -0.51
N LEU A 5 -38.11 -20.25 -1.00
CA LEU A 5 -37.14 -21.33 -1.28
C LEU A 5 -36.21 -21.48 -0.09
N TYR A 6 -35.41 -20.46 0.18
CA TYR A 6 -34.39 -20.47 1.21
C TYR A 6 -34.32 -19.14 1.96
N THR A 7 -34.10 -19.21 3.27
CA THR A 7 -33.72 -18.06 4.09
C THR A 7 -32.30 -18.23 4.63
N GLY A 8 -31.79 -17.19 5.30
CA GLY A 8 -30.51 -17.24 5.96
C GLY A 8 -29.31 -17.19 5.03
N LEU A 9 -29.52 -16.74 3.78
CA LEU A 9 -28.44 -16.73 2.80
C LEU A 9 -27.57 -15.48 2.93
N THR A 10 -26.27 -15.62 2.62
CA THR A 10 -25.42 -14.45 2.44
C THR A 10 -25.85 -13.70 1.20
N GLU A 11 -25.46 -12.42 1.12
CA GLU A 11 -25.78 -11.64 -0.05
C GLU A 11 -25.15 -12.26 -1.30
N LYS A 12 -23.89 -12.70 -1.21
CA LYS A 12 -23.19 -13.26 -2.36
C LYS A 12 -23.87 -14.52 -2.90
N GLU A 13 -24.23 -15.44 -2.00
CA GLU A 13 -24.85 -16.69 -2.43
C GLU A 13 -26.28 -16.48 -2.95
N ALA A 14 -27.06 -15.63 -2.27
CA ALA A 14 -28.40 -15.32 -2.76
C ALA A 14 -28.27 -14.74 -4.16
N ASN A 15 -27.28 -13.87 -4.39
CA ASN A 15 -27.09 -13.32 -5.73
C ASN A 15 -26.76 -14.38 -6.77
N GLN A 16 -25.91 -15.33 -6.41
CA GLN A 16 -25.56 -16.41 -7.32
C GLN A 16 -26.80 -17.25 -7.67
N MET A 17 -27.59 -17.55 -6.67
CA MET A 17 -28.81 -18.35 -6.84
C MET A 17 -29.87 -17.61 -7.66
N GLN A 18 -30.05 -16.31 -7.37
CA GLN A 18 -31.01 -15.46 -8.07
C GLN A 18 -30.62 -15.32 -9.53
N ALA A 19 -29.34 -15.07 -9.81
CA ALA A 19 -28.90 -14.95 -11.19
C ALA A 19 -29.02 -16.28 -11.94
N LEU A 20 -28.72 -17.39 -11.28
CA LEU A 20 -28.87 -18.70 -11.88
C LEU A 20 -30.32 -18.99 -12.30
N LEU A 21 -31.25 -18.68 -11.40
CA LEU A 21 -32.68 -18.90 -11.69
C LEU A 21 -33.13 -18.00 -12.81
N LEU A 22 -32.83 -16.71 -12.73
CA LEU A 22 -33.28 -15.80 -13.76
C LEU A 22 -32.73 -16.21 -15.12
N SER A 23 -31.48 -16.65 -15.16
CA SER A 23 -30.85 -16.98 -16.44
C SER A 23 -31.36 -18.31 -17.02
N ASN A 24 -32.03 -19.09 -16.16
CA ASN A 24 -32.68 -20.33 -16.53
C ASN A 24 -34.22 -20.16 -16.57
N ASP A 25 -34.65 -18.93 -16.79
CA ASP A 25 -36.04 -18.60 -17.07
C ASP A 25 -36.99 -18.99 -15.95
N VAL A 26 -36.56 -18.72 -14.73
CA VAL A 26 -37.41 -18.77 -13.56
C VAL A 26 -37.36 -17.42 -12.84
N ASN A 27 -38.52 -16.79 -12.69
CA ASN A 27 -38.64 -15.56 -11.92
C ASN A 27 -38.30 -15.79 -10.47
N VAL A 28 -37.74 -14.79 -9.81
CA VAL A 28 -37.43 -14.90 -8.39
C VAL A 28 -37.52 -13.54 -7.72
N SER A 29 -37.95 -13.55 -6.46
CA SER A 29 -38.00 -12.37 -5.64
C SER A 29 -37.09 -12.55 -4.43
N LYS A 30 -36.58 -11.44 -3.92
CA LYS A 30 -35.61 -11.46 -2.85
C LYS A 30 -35.98 -10.44 -1.78
N GLU A 31 -35.75 -10.79 -0.53
CA GLU A 31 -35.90 -9.84 0.56
C GLU A 31 -34.80 -10.04 1.60
N MET A 32 -34.53 -9.02 2.41
CA MET A 32 -33.62 -9.15 3.53
C MET A 32 -34.44 -9.23 4.82
N ASP A 33 -34.15 -10.20 5.67
CA ASP A 33 -34.87 -10.34 6.94
C ASP A 33 -34.26 -9.42 8.00
N LYS A 34 -34.81 -9.50 9.22
CA LYS A 34 -34.42 -8.59 10.30
C LYS A 34 -33.00 -8.81 10.82
N SER A 35 -32.43 -9.98 10.54
CA SER A 35 -31.04 -10.28 10.92
C SER A 35 -30.01 -9.94 9.85
N GLY A 36 -30.46 -9.41 8.72
CA GLY A 36 -29.57 -9.03 7.63
C GLY A 36 -29.29 -10.14 6.62
N ASN A 37 -29.96 -11.28 6.74
CA ASN A 37 -29.80 -12.39 5.80
C ASN A 37 -30.84 -12.30 4.68
N MET A 38 -30.59 -13.04 3.59
CA MET A 38 -31.40 -12.94 2.39
C MET A 38 -32.32 -14.14 2.23
N THR A 39 -33.53 -13.85 1.78
CA THR A 39 -34.54 -14.86 1.48
C THR A 39 -34.89 -14.79 -0.01
N LEU A 40 -34.92 -15.94 -0.67
CA LEU A 40 -35.34 -16.04 -2.06
C LEU A 40 -36.65 -16.81 -2.11
N SER A 41 -37.58 -16.30 -2.92
CA SER A 41 -38.89 -16.91 -3.17
C SER A 41 -39.18 -17.00 -4.66
N VAL A 42 -40.12 -17.86 -5.03
CA VAL A 42 -40.59 -17.95 -6.40
C VAL A 42 -42.12 -18.00 -6.41
N ALA A 43 -42.71 -17.79 -7.57
CA ALA A 43 -44.13 -18.05 -7.74
C ALA A 43 -44.34 -19.53 -7.46
N ALA A 44 -45.43 -19.87 -6.77
CA ALA A 44 -45.62 -21.25 -6.33
C ALA A 44 -45.56 -22.27 -7.46
N ALA A 45 -46.06 -21.92 -8.65
CA ALA A 45 -46.12 -22.82 -9.77
C ALA A 45 -44.74 -23.18 -10.27
N ASP A 46 -43.76 -22.33 -9.95
CA ASP A 46 -42.38 -22.50 -10.41
C ASP A 46 -41.50 -23.26 -9.41
N PHE A 47 -42.08 -23.72 -8.30
CA PHE A 47 -41.27 -24.27 -7.23
C PHE A 47 -40.44 -25.49 -7.68
N VAL A 48 -41.07 -26.43 -8.37
CA VAL A 48 -40.34 -27.65 -8.77
C VAL A 48 -39.20 -27.32 -9.76
N ARG A 49 -39.48 -26.50 -10.76
CA ARG A 49 -38.46 -26.06 -11.72
C ARG A 49 -37.30 -25.38 -11.00
N ALA A 50 -37.62 -24.51 -10.05
CA ALA A 50 -36.60 -23.78 -9.29
C ALA A 50 -35.71 -24.69 -8.45
N ILE A 51 -36.31 -25.59 -7.69
CA ILE A 51 -35.53 -26.51 -6.87
C ILE A 51 -34.68 -27.42 -7.77
N THR A 52 -35.21 -27.81 -8.91
CA THR A 52 -34.46 -28.63 -9.88
C THR A 52 -33.19 -27.94 -10.33
N ILE A 53 -33.31 -26.68 -10.76
CA ILE A 53 -32.19 -25.88 -11.19
C ILE A 53 -31.18 -25.69 -10.06
N LEU A 54 -31.66 -25.37 -8.86
CA LEU A 54 -30.76 -25.17 -7.74
C LEU A 54 -30.02 -26.47 -7.39
N ASN A 55 -30.76 -27.58 -7.30
CA ASN A 55 -30.19 -28.90 -6.99
C ASN A 55 -29.11 -29.26 -8.02
N ASN A 56 -29.41 -29.01 -9.29
CA ASN A 56 -28.49 -29.32 -10.39
C ASN A 56 -27.23 -28.49 -10.39
N ASN A 57 -27.22 -27.39 -9.63
CA ASN A 57 -26.05 -26.54 -9.51
C ASN A 57 -25.44 -26.55 -8.12
N GLY A 58 -25.90 -27.46 -7.26
CA GLY A 58 -25.37 -27.62 -5.93
C GLY A 58 -25.69 -26.54 -4.92
N PHE A 59 -26.80 -25.83 -5.12
CA PHE A 59 -27.21 -24.76 -4.21
C PHE A 59 -28.35 -25.24 -3.32
N PRO A 60 -28.39 -24.81 -2.06
CA PRO A 60 -27.37 -23.96 -1.43
C PRO A 60 -26.08 -24.74 -1.20
N LYS A 61 -24.97 -24.04 -1.26
CA LYS A 61 -23.64 -24.67 -1.28
C LYS A 61 -23.29 -25.30 0.05
N LYS A 62 -22.75 -26.50 -0.04
CA LYS A 62 -22.24 -27.22 1.09
C LYS A 62 -21.07 -26.45 1.67
N LYS A 63 -20.90 -26.59 2.99
CA LYS A 63 -19.80 -26.01 3.72
C LYS A 63 -18.75 -27.08 3.98
N PHE A 64 -17.51 -26.64 4.19
CA PHE A 64 -16.42 -27.54 4.49
C PHE A 64 -15.77 -27.17 5.82
N ALA A 65 -15.00 -28.09 6.35
CA ALA A 65 -14.42 -27.93 7.68
C ALA A 65 -13.50 -26.71 7.72
N ASP A 66 -13.52 -26.05 8.87
CA ASP A 66 -12.80 -24.83 9.13
C ASP A 66 -11.65 -25.23 10.06
N ILE A 67 -10.43 -24.97 9.64
CA ILE A 67 -9.25 -25.31 10.45
C ILE A 67 -9.33 -24.75 11.88
N GLU A 68 -9.92 -23.58 12.03
CA GLU A 68 -10.05 -22.92 13.35
C GLU A 68 -11.06 -23.58 14.27
N VAL A 69 -11.93 -24.41 13.71
CA VAL A 69 -12.84 -25.25 14.48
C VAL A 69 -12.22 -26.62 14.79
N ILE A 70 -11.53 -27.22 13.82
CA ILE A 70 -10.88 -28.52 14.06
C ILE A 70 -9.73 -28.36 15.08
N PHE A 71 -9.05 -27.21 15.01
CA PHE A 71 -7.94 -26.89 15.90
C PHE A 71 -8.20 -25.51 16.51
N PRO A 72 -9.07 -25.45 17.52
CA PRO A 72 -9.45 -24.18 18.14
C PRO A 72 -8.41 -23.66 19.14
N SER A 79 0.83 -27.35 19.78
CA SER A 79 1.23 -28.63 19.17
C SER A 79 1.93 -28.35 17.84
N PRO A 80 3.03 -29.04 17.55
CA PRO A 80 3.77 -28.83 16.29
C PRO A 80 3.06 -29.25 14.99
N SER A 81 2.36 -30.38 14.99
CA SER A 81 1.59 -30.80 13.83
C SER A 81 0.45 -29.81 13.57
N GLN A 82 -0.16 -29.32 14.64
CA GLN A 82 -1.26 -28.37 14.55
C GLN A 82 -0.76 -27.02 14.05
N GLU A 83 0.39 -26.62 14.60
CA GLU A 83 1.05 -25.39 14.22
C GLU A 83 1.36 -25.35 12.74
N ASN A 84 1.96 -26.42 12.23
CA ASN A 84 2.36 -26.48 10.83
C ASN A 84 1.16 -26.50 9.88
N ALA A 85 0.06 -27.11 10.30
CA ALA A 85 -1.18 -27.03 9.52
C ALA A 85 -1.65 -25.58 9.41
N LYS A 86 -1.57 -24.83 10.51
CA LYS A 86 -2.02 -23.44 10.51
C LYS A 86 -1.08 -22.55 9.70
N ILE A 87 0.21 -22.82 9.74
CA ILE A 87 1.18 -22.10 8.92
C ILE A 87 0.94 -22.38 7.43
N ASN A 88 0.60 -23.62 7.10
CA ASN A 88 0.33 -24.03 5.73
C ASN A 88 -0.92 -23.35 5.23
N TYR A 89 -1.93 -23.33 6.08
CA TYR A 89 -3.19 -22.69 5.75
C TYR A 89 -2.98 -21.20 5.48
N LEU A 90 -2.20 -20.56 6.32
CA LEU A 90 -1.88 -19.14 6.10
C LEU A 90 -1.21 -18.92 4.75
N LYS A 91 -0.26 -19.78 4.39
CA LYS A 91 0.42 -19.66 3.11
C LYS A 91 -0.57 -19.88 1.95
N GLU A 92 -1.45 -20.89 2.07
CA GLU A 92 -2.44 -21.13 1.05
C GLU A 92 -3.31 -19.87 0.85
N GLN A 93 -3.74 -19.27 1.96
CA GLN A 93 -4.56 -18.08 1.92
C GLN A 93 -3.81 -16.88 1.32
N ASP A 94 -2.53 -16.72 1.68
CA ASP A 94 -1.71 -15.67 1.10
C ASP A 94 -1.57 -15.79 -0.43
N ILE A 95 -1.38 -17.01 -0.93
CA ILE A 95 -1.25 -17.26 -2.36
C ILE A 95 -2.60 -17.04 -3.06
N GLU A 96 -3.70 -17.47 -2.44
CA GLU A 96 -5.02 -17.22 -3.04
C GLU A 96 -5.27 -15.70 -3.13
N ARG A 97 -4.86 -14.98 -2.11
CA ARG A 97 -5.06 -13.54 -2.08
C ARG A 97 -4.28 -12.87 -3.20
N LEU A 98 -3.05 -13.32 -3.40
CA LEU A 98 -2.20 -12.81 -4.47
C LEU A 98 -2.81 -13.12 -5.85
N LEU A 99 -3.11 -14.39 -6.10
CA LEU A 99 -3.63 -14.80 -7.41
C LEU A 99 -4.97 -14.15 -7.72
N SER A 100 -5.76 -13.84 -6.69
CA SER A 100 -7.07 -13.25 -6.87
C SER A 100 -6.99 -11.81 -7.39
N LYS A 101 -5.80 -11.20 -7.33
CA LYS A 101 -5.59 -9.87 -7.93
C LYS A 101 -5.30 -9.87 -9.42
N ILE A 102 -5.03 -11.04 -10.00
CA ILE A 102 -4.77 -11.13 -11.44
C ILE A 102 -6.09 -10.84 -12.19
N PRO A 103 -6.09 -9.85 -13.09
CA PRO A 103 -7.31 -9.56 -13.86
C PRO A 103 -7.84 -10.78 -14.59
N GLY A 104 -9.12 -11.04 -14.40
CA GLY A 104 -9.76 -12.20 -15.00
C GLY A 104 -9.99 -13.35 -14.06
N VAL A 105 -9.37 -13.33 -12.88
CA VAL A 105 -9.57 -14.41 -11.90
C VAL A 105 -10.87 -14.13 -11.13
N ILE A 106 -11.82 -15.07 -11.19
CA ILE A 106 -13.07 -15.00 -10.46
C ILE A 106 -12.92 -15.61 -9.06
N ASP A 107 -12.23 -16.75 -8.99
CA ASP A 107 -12.07 -17.49 -7.75
C ASP A 107 -10.79 -18.34 -7.88
N CYS A 108 -10.24 -18.79 -6.76
CA CYS A 108 -9.13 -19.72 -6.85
C CYS A 108 -9.01 -20.48 -5.53
N SER A 109 -8.38 -21.64 -5.61
CA SER A 109 -8.06 -22.46 -4.46
C SER A 109 -6.66 -23.01 -4.61
N VAL A 110 -5.95 -23.07 -3.50
CA VAL A 110 -4.61 -23.61 -3.46
C VAL A 110 -4.55 -24.61 -2.30
N SER A 111 -4.05 -25.81 -2.60
CA SER A 111 -3.80 -26.81 -1.58
C SER A 111 -2.31 -27.15 -1.64
N LEU A 112 -1.62 -26.94 -0.52
CA LEU A 112 -0.19 -27.15 -0.45
C LEU A 112 0.16 -28.41 0.32
N ASN A 113 1.16 -29.12 -0.18
CA ASN A 113 1.77 -30.27 0.45
C ASN A 113 3.25 -29.91 0.70
N VAL A 114 3.58 -29.49 1.90
CA VAL A 114 4.97 -29.11 2.24
C VAL A 114 5.48 -30.02 3.35
N SER A 122 7.58 -32.34 -2.06
CA SER A 122 6.73 -31.13 -1.90
C SER A 122 5.97 -30.74 -3.16
N SER A 123 4.72 -30.31 -3.02
CA SER A 123 3.88 -30.11 -4.20
C SER A 123 2.73 -29.14 -3.91
N ALA A 124 2.09 -28.66 -4.96
CA ALA A 124 0.94 -27.74 -4.83
C ALA A 124 -0.08 -27.99 -5.93
N ALA A 125 -1.36 -27.85 -5.56
CA ALA A 125 -2.48 -27.90 -6.49
C ALA A 125 -3.12 -26.52 -6.51
N VAL A 126 -3.36 -26.00 -7.70
CA VAL A 126 -3.93 -24.67 -7.88
C VAL A 126 -5.03 -24.72 -8.90
N LEU A 127 -6.24 -24.34 -8.49
CA LEU A 127 -7.40 -24.22 -9.37
C LEU A 127 -7.75 -22.76 -9.49
N VAL A 128 -7.91 -22.28 -10.72
CA VAL A 128 -8.32 -20.92 -10.99
C VAL A 128 -9.60 -20.95 -11.82
N ILE A 129 -10.60 -20.20 -11.39
CA ILE A 129 -11.81 -19.98 -12.14
C ILE A 129 -11.67 -18.63 -12.84
N SER A 130 -11.84 -18.61 -14.15
CA SER A 130 -11.54 -17.44 -14.96
C SER A 130 -12.79 -16.88 -15.60
N SER A 131 -12.75 -15.57 -15.84
CA SER A 131 -13.75 -14.91 -16.65
C SER A 131 -13.78 -15.51 -18.05
N PRO A 132 -14.97 -15.75 -18.60
CA PRO A 132 -15.07 -16.20 -19.99
C PRO A 132 -14.48 -15.18 -21.00
N GLU A 133 -14.28 -13.93 -20.58
CA GLU A 133 -13.79 -12.86 -21.46
C GLU A 133 -12.27 -12.70 -21.44
N VAL A 134 -11.59 -13.45 -20.58
CA VAL A 134 -10.13 -13.38 -20.47
C VAL A 134 -9.53 -14.76 -20.75
N ASN A 135 -8.41 -14.78 -21.43
CA ASN A 135 -7.68 -16.02 -21.70
C ASN A 135 -6.44 -16.03 -20.80
N LEU A 136 -6.50 -16.82 -19.74
CA LEU A 136 -5.42 -16.91 -18.77
C LEU A 136 -4.42 -18.03 -19.09
N ALA A 137 -4.69 -18.81 -20.13
CA ALA A 137 -3.75 -19.89 -20.49
C ALA A 137 -2.29 -19.43 -20.67
N PRO A 138 -2.05 -18.30 -21.32
CA PRO A 138 -0.69 -17.77 -21.43
C PRO A 138 -0.05 -17.38 -20.09
N SER A 139 -0.86 -17.19 -19.05
CA SER A 139 -0.36 -16.85 -17.72
C SER A 139 -0.07 -18.04 -16.81
N VAL A 140 -0.28 -19.26 -17.29
CA VAL A 140 -0.07 -20.44 -16.46
C VAL A 140 1.36 -20.54 -15.95
N ILE A 141 2.35 -20.27 -16.81
CA ILE A 141 3.74 -20.36 -16.40
C ILE A 141 4.04 -19.30 -15.33
N GLN A 142 3.44 -18.14 -15.47
CA GLN A 142 3.58 -17.06 -14.47
C GLN A 142 2.97 -17.49 -13.15
N ILE A 143 1.77 -18.04 -13.20
CA ILE A 143 1.09 -18.51 -12.00
C ILE A 143 1.94 -19.58 -11.33
N LYS A 144 2.47 -20.53 -12.11
CA LYS A 144 3.29 -21.58 -11.54
C LYS A 144 4.52 -21.01 -10.84
N ASN A 145 5.16 -20.03 -11.45
CA ASN A 145 6.37 -19.45 -10.88
C ASN A 145 6.07 -18.64 -9.63
N LEU A 146 4.94 -17.93 -9.60
CA LEU A 146 4.52 -17.22 -8.39
C LEU A 146 4.30 -18.21 -7.25
N VAL A 147 3.60 -19.31 -7.52
CA VAL A 147 3.38 -20.32 -6.49
C VAL A 147 4.70 -20.93 -6.03
N LYS A 148 5.54 -21.28 -6.99
CA LYS A 148 6.81 -21.94 -6.69
C LYS A 148 7.63 -21.12 -5.70
N ASN A 149 7.72 -19.83 -5.99
CA ASN A 149 8.60 -18.96 -5.21
C ASN A 149 7.97 -18.43 -3.93
N SER A 150 6.69 -18.75 -3.70
CA SER A 150 6.02 -18.39 -2.46
C SER A 150 6.27 -19.39 -1.34
N VAL A 151 6.72 -20.60 -1.72
CA VAL A 151 6.61 -21.79 -0.86
C VAL A 151 7.92 -22.55 -0.77
N ASP A 152 8.26 -23.02 0.43
CA ASP A 152 9.49 -23.78 0.64
C ASP A 152 9.60 -25.06 -0.19
N ASP A 153 10.72 -25.18 -0.89
CA ASP A 153 11.19 -26.38 -1.59
C ASP A 153 10.20 -26.95 -2.61
N LEU A 154 9.72 -26.09 -3.50
CA LEU A 154 8.73 -26.45 -4.49
C LEU A 154 9.32 -26.33 -5.89
N LYS A 155 9.17 -27.37 -6.71
CA LYS A 155 9.63 -27.36 -8.08
C LYS A 155 8.44 -27.28 -9.03
N LEU A 156 8.65 -26.66 -10.18
CA LEU A 156 7.61 -26.45 -11.18
C LEU A 156 6.86 -27.73 -11.56
N GLU A 157 7.62 -28.82 -11.68
CA GLU A 157 7.09 -30.09 -12.13
C GLU A 157 6.08 -30.70 -11.14
N ASN A 158 6.12 -30.23 -9.89
CA ASN A 158 5.21 -30.68 -8.85
C ASN A 158 4.14 -29.62 -8.49
N ILE A 159 3.86 -28.72 -9.41
CA ILE A 159 2.75 -27.78 -9.28
C ILE A 159 1.74 -28.04 -10.39
N SER A 160 0.51 -28.36 -10.01
CA SER A 160 -0.58 -28.49 -10.94
C SER A 160 -1.38 -27.20 -10.94
N VAL A 161 -1.52 -26.59 -12.11
CA VAL A 161 -2.40 -25.45 -12.31
C VAL A 161 -3.48 -25.79 -13.32
N VAL A 162 -4.73 -25.70 -12.88
CA VAL A 162 -5.88 -25.96 -13.71
C VAL A 162 -6.70 -24.70 -13.74
N ILE A 163 -7.00 -24.22 -14.95
CA ILE A 163 -7.83 -23.04 -15.17
C ILE A 163 -9.15 -23.44 -15.88
N LYS A 164 -10.26 -23.05 -15.29
CA LYS A 164 -11.58 -23.35 -15.83
C LYS A 164 -12.37 -22.06 -15.92
N SER A 165 -13.01 -21.85 -17.06
CA SER A 165 -13.94 -20.77 -17.22
C SER A 165 -15.18 -21.00 -16.38
N SER A 166 -15.80 -19.93 -15.89
CA SER A 166 -17.06 -20.05 -15.19
C SER A 166 -18.13 -20.64 -16.10
N SER A 167 -17.96 -20.51 -17.41
CA SER A 167 -18.92 -21.04 -18.37
C SER A 167 -18.87 -22.57 -18.48
N LYS B 2 -36.30 -2.26 -8.33
CA LYS B 2 -34.82 -2.45 -8.16
C LYS B 2 -34.49 -3.68 -7.33
N GLU B 3 -33.39 -4.36 -7.68
CA GLU B 3 -32.88 -5.47 -6.91
C GLU B 3 -31.59 -5.05 -6.20
N GLN B 4 -31.48 -5.41 -4.95
CA GLN B 4 -30.25 -5.18 -4.19
C GLN B 4 -29.11 -6.07 -4.69
N LEU B 5 -27.92 -5.49 -4.84
CA LEU B 5 -26.68 -6.22 -5.13
C LEU B 5 -26.00 -6.54 -3.81
N TYR B 6 -25.44 -5.50 -3.17
CA TYR B 6 -24.71 -5.66 -1.92
C TYR B 6 -24.95 -4.45 -1.02
N THR B 7 -24.98 -4.69 0.30
CA THR B 7 -25.04 -3.65 1.33
C THR B 7 -23.73 -3.67 2.12
N GLY B 8 -23.58 -2.69 3.00
CA GLY B 8 -22.43 -2.64 3.89
C GLY B 8 -21.07 -2.44 3.24
N LEU B 9 -21.05 -1.84 2.06
CA LEU B 9 -19.82 -1.68 1.31
C LEU B 9 -19.08 -0.43 1.75
N THR B 10 -17.77 -0.47 1.68
CA THR B 10 -16.96 0.73 1.86
C THR B 10 -17.19 1.69 0.69
N GLU B 11 -16.82 2.95 0.87
CA GLU B 11 -16.91 3.91 -0.21
C GLU B 11 -16.14 3.50 -1.44
N LYS B 12 -14.93 2.97 -1.25
CA LYS B 12 -14.08 2.63 -2.38
C LYS B 12 -14.64 1.44 -3.12
N GLU B 13 -15.01 0.42 -2.38
CA GLU B 13 -15.54 -0.80 -3.03
C GLU B 13 -16.83 -0.44 -3.79
N ALA B 14 -17.71 0.32 -3.17
CA ALA B 14 -18.94 0.74 -3.81
C ALA B 14 -18.68 1.62 -5.04
N ASN B 15 -17.77 2.60 -4.93
CA ASN B 15 -17.45 3.42 -6.08
C ASN B 15 -16.87 2.63 -7.24
N GLN B 16 -15.99 1.69 -6.94
CA GLN B 16 -15.35 0.92 -8.00
C GLN B 16 -16.38 0.02 -8.69
N MET B 17 -17.23 -0.65 -7.92
CA MET B 17 -18.27 -1.49 -8.51
C MET B 17 -19.28 -0.66 -9.31
N GLN B 18 -19.68 0.48 -8.74
CA GLN B 18 -20.61 1.39 -9.39
C GLN B 18 -20.07 1.89 -10.73
N ALA B 19 -18.82 2.34 -10.76
CA ALA B 19 -18.23 2.84 -11.98
C ALA B 19 -18.06 1.75 -13.04
N LEU B 20 -17.68 0.56 -12.60
CA LEU B 20 -17.57 -0.58 -13.48
C LEU B 20 -18.93 -0.87 -14.16
N LEU B 21 -19.98 -0.92 -13.37
CA LEU B 21 -21.32 -1.23 -13.90
C LEU B 21 -21.80 -0.13 -14.84
N LEU B 22 -21.68 1.11 -14.40
CA LEU B 22 -22.03 2.24 -15.27
C LEU B 22 -21.28 2.24 -16.60
N SER B 23 -19.99 1.89 -16.60
CA SER B 23 -19.19 1.86 -17.82
C SER B 23 -19.61 0.73 -18.76
N ASN B 24 -20.32 -0.26 -18.21
CA ASN B 24 -20.91 -1.35 -18.99
C ASN B 24 -22.41 -1.19 -19.26
N ASP B 25 -22.92 0.04 -19.20
CA ASP B 25 -24.30 0.35 -19.51
C ASP B 25 -25.31 -0.39 -18.60
N VAL B 26 -24.95 -0.56 -17.32
CA VAL B 26 -25.86 -1.09 -16.33
C VAL B 26 -26.34 0.04 -15.44
N ASN B 27 -27.65 0.12 -15.30
CA ASN B 27 -28.30 1.16 -14.51
C ASN B 27 -28.23 0.76 -13.03
N VAL B 28 -27.27 1.36 -12.34
CA VAL B 28 -27.03 1.05 -10.93
C VAL B 28 -27.26 2.31 -10.12
N SER B 29 -27.80 2.14 -8.92
CA SER B 29 -28.00 3.23 -7.98
C SER B 29 -27.39 2.91 -6.62
N LYS B 30 -27.04 3.94 -5.88
CA LYS B 30 -26.34 3.80 -4.62
C LYS B 30 -27.04 4.59 -3.51
N GLU B 31 -27.11 3.99 -2.32
CA GLU B 31 -27.67 4.64 -1.13
C GLU B 31 -26.72 4.46 0.05
N MET B 32 -26.56 5.51 0.85
CA MET B 32 -25.74 5.43 2.04
C MET B 32 -26.62 5.13 3.25
N ASP B 33 -26.18 4.20 4.10
CA ASP B 33 -26.91 3.88 5.33
C ASP B 33 -26.43 4.79 6.46
N LYS B 34 -26.95 4.59 7.67
CA LYS B 34 -26.67 5.49 8.78
C LYS B 34 -25.22 5.43 9.24
N SER B 35 -24.57 4.29 9.01
CA SER B 35 -23.18 4.09 9.39
C SER B 35 -22.14 4.59 8.36
N GLY B 36 -22.63 5.13 7.24
CA GLY B 36 -21.75 5.63 6.19
C GLY B 36 -21.45 4.61 5.10
N ASN B 37 -21.89 3.37 5.30
CA ASN B 37 -21.67 2.31 4.32
C ASN B 37 -22.70 2.32 3.20
N MET B 38 -22.34 1.72 2.07
CA MET B 38 -23.09 1.90 0.84
C MET B 38 -23.83 0.65 0.39
N THR B 39 -24.98 0.85 -0.23
CA THR B 39 -25.76 -0.22 -0.85
C THR B 39 -25.87 0.07 -2.32
N LEU B 40 -25.56 -0.93 -3.16
CA LEU B 40 -25.79 -0.83 -4.60
C LEU B 40 -26.98 -1.68 -5.01
N SER B 41 -27.77 -1.14 -5.94
CA SER B 41 -28.94 -1.80 -6.49
C SER B 41 -28.98 -1.62 -8.02
N VAL B 42 -29.64 -2.53 -8.73
CA VAL B 42 -29.81 -2.41 -10.17
C VAL B 42 -31.24 -2.76 -10.55
N ALA B 43 -31.66 -2.32 -11.72
CA ALA B 43 -32.95 -2.77 -12.26
C ALA B 43 -32.94 -4.26 -12.40
N ALA B 44 -34.08 -4.89 -12.11
CA ALA B 44 -34.17 -6.35 -12.19
C ALA B 44 -33.72 -6.90 -13.53
N ALA B 45 -34.05 -6.19 -14.62
CA ALA B 45 -33.72 -6.64 -15.97
C ALA B 45 -32.21 -6.66 -16.23
N ASP B 46 -31.44 -5.93 -15.40
CA ASP B 46 -29.97 -5.90 -15.51
C ASP B 46 -29.27 -6.73 -14.47
N PHE B 47 -30.02 -7.42 -13.60
CA PHE B 47 -29.43 -8.13 -12.47
C PHE B 47 -28.44 -9.20 -12.88
N VAL B 48 -28.85 -10.09 -13.79
CA VAL B 48 -27.96 -11.15 -14.24
C VAL B 48 -26.66 -10.61 -14.84
N ARG B 49 -26.78 -9.66 -15.74
CA ARG B 49 -25.61 -9.06 -16.36
C ARG B 49 -24.72 -8.37 -15.31
N ALA B 50 -25.32 -7.68 -14.36
CA ALA B 50 -24.57 -7.01 -13.28
C ALA B 50 -23.75 -7.98 -12.44
N ILE B 51 -24.34 -9.11 -12.06
CA ILE B 51 -23.64 -10.09 -11.26
C ILE B 51 -22.50 -10.70 -12.08
N THR B 52 -22.74 -10.96 -13.36
CA THR B 52 -21.71 -11.49 -14.26
C THR B 52 -20.51 -10.55 -14.32
N ILE B 53 -20.77 -9.27 -14.53
CA ILE B 53 -19.71 -8.27 -14.66
C ILE B 53 -18.92 -8.17 -13.33
N LEU B 54 -19.63 -8.13 -12.22
CA LEU B 54 -18.97 -8.04 -10.92
C LEU B 54 -18.11 -9.27 -10.66
N ASN B 55 -18.68 -10.46 -10.89
CA ASN B 55 -17.95 -11.70 -10.67
C ASN B 55 -16.68 -11.75 -11.52
N ASN B 56 -16.80 -11.33 -12.78
CA ASN B 56 -15.71 -11.36 -13.74
C ASN B 56 -14.56 -10.47 -13.35
N ASN B 57 -14.87 -9.42 -12.58
CA ASN B 57 -13.88 -8.46 -12.11
C ASN B 57 -13.48 -8.63 -10.65
N GLY B 58 -13.85 -9.75 -10.04
CA GLY B 58 -13.44 -10.08 -8.69
C GLY B 58 -14.17 -9.38 -7.57
N PHE B 59 -15.38 -8.88 -7.83
CA PHE B 59 -16.18 -8.13 -6.86
C PHE B 59 -17.40 -8.93 -6.37
N PRO B 60 -17.74 -8.82 -5.08
CA PRO B 60 -16.99 -8.05 -4.10
C PRO B 60 -15.76 -8.84 -3.68
N LYS B 61 -14.76 -8.12 -3.19
CA LYS B 61 -13.48 -8.71 -2.87
C LYS B 61 -13.63 -9.64 -1.66
N LYS B 62 -13.01 -10.81 -1.77
CA LYS B 62 -13.07 -11.83 -0.72
C LYS B 62 -12.21 -11.45 0.47
N LYS B 63 -12.62 -11.94 1.62
CA LYS B 63 -11.81 -11.90 2.82
C LYS B 63 -10.99 -13.21 2.87
N PHE B 64 -9.68 -13.06 3.12
CA PHE B 64 -8.80 -14.19 3.30
C PHE B 64 -8.28 -14.18 4.72
N ALA B 65 -7.71 -15.31 5.14
CA ALA B 65 -7.23 -15.52 6.49
C ALA B 65 -6.31 -14.39 6.94
N ASP B 66 -6.60 -13.88 8.14
CA ASP B 66 -5.82 -12.82 8.75
C ASP B 66 -4.85 -13.48 9.72
N ILE B 67 -3.57 -13.22 9.55
CA ILE B 67 -2.53 -13.77 10.43
C ILE B 67 -2.78 -13.43 11.91
N GLU B 68 -3.39 -12.28 12.17
CA GLU B 68 -3.67 -11.84 13.54
C GLU B 68 -4.85 -12.60 14.16
N VAL B 69 -5.74 -13.12 13.32
CA VAL B 69 -6.78 -14.05 13.79
C VAL B 69 -6.22 -15.47 13.99
N ILE B 70 -5.48 -16.00 13.02
CA ILE B 70 -4.95 -17.37 13.08
C ILE B 70 -3.97 -17.51 14.25
N PHE B 71 -3.17 -16.47 14.47
CA PHE B 71 -2.18 -16.41 15.54
C PHE B 71 -2.44 -15.17 16.40
N PRO B 72 -3.42 -15.24 17.30
CA PRO B 72 -3.80 -14.08 18.13
C PRO B 72 -2.86 -13.87 19.30
N SER B 79 5.69 -18.76 20.32
CA SER B 79 6.26 -19.87 19.56
C SER B 79 7.19 -19.34 18.47
N PRO B 80 8.34 -19.96 18.26
CA PRO B 80 9.24 -19.56 17.16
C PRO B 80 8.61 -19.61 15.76
N SER B 81 7.77 -20.61 15.50
CA SER B 81 7.09 -20.72 14.20
C SER B 81 6.13 -19.56 13.97
N GLN B 82 5.34 -19.23 14.99
CA GLN B 82 4.36 -18.16 14.93
C GLN B 82 5.03 -16.78 14.85
N GLU B 83 6.11 -16.63 15.61
CA GLU B 83 6.88 -15.40 15.62
C GLU B 83 7.47 -15.14 14.23
N ASN B 84 7.99 -16.19 13.62
CA ASN B 84 8.63 -16.12 12.31
C ASN B 84 7.63 -15.81 11.18
N ALA B 85 6.40 -16.31 11.33
CA ALA B 85 5.32 -15.96 10.40
C ALA B 85 4.99 -14.46 10.46
N LYS B 86 4.96 -13.90 11.67
CA LYS B 86 4.64 -12.48 11.86
C LYS B 86 5.80 -11.59 11.38
N ILE B 87 7.04 -11.99 11.62
CA ILE B 87 8.20 -11.28 11.09
C ILE B 87 8.17 -11.28 9.55
N ASN B 88 7.80 -12.41 8.98
CA ASN B 88 7.73 -12.56 7.53
C ASN B 88 6.62 -11.67 6.98
N TYR B 89 5.50 -11.62 7.67
CA TYR B 89 4.35 -10.82 7.26
C TYR B 89 4.71 -9.34 7.28
N LEU B 90 5.37 -8.92 8.36
CA LEU B 90 5.84 -7.53 8.47
C LEU B 90 6.74 -7.19 7.29
N LYS B 91 7.64 -8.08 6.91
CA LYS B 91 8.53 -7.83 5.79
C LYS B 91 7.77 -7.76 4.46
N GLU B 92 6.82 -8.68 4.24
CA GLU B 92 5.97 -8.61 3.05
C GLU B 92 5.27 -7.26 2.92
N GLN B 93 4.73 -6.79 4.04
CA GLN B 93 4.02 -5.51 4.08
C GLN B 93 4.98 -4.34 3.84
N ASP B 94 6.18 -4.42 4.41
CA ASP B 94 7.18 -3.39 4.19
C ASP B 94 7.54 -3.27 2.72
N ILE B 95 7.69 -4.41 2.05
CA ILE B 95 8.05 -4.43 0.65
C ILE B 95 6.88 -3.93 -0.21
N GLU B 96 5.65 -4.38 0.09
CA GLU B 96 4.47 -3.86 -0.60
C GLU B 96 4.37 -2.33 -0.45
N ARG B 97 4.66 -1.83 0.74
CA ARG B 97 4.60 -0.39 1.02
C ARG B 97 5.61 0.37 0.17
N LEU B 98 6.82 -0.17 0.08
CA LEU B 98 7.88 0.43 -0.72
C LEU B 98 7.54 0.42 -2.21
N LEU B 99 7.18 -0.77 -2.74
CA LEU B 99 6.91 -0.88 -4.17
C LEU B 99 5.71 -0.05 -4.60
N SER B 100 4.77 0.14 -3.69
CA SER B 100 3.55 0.90 -3.95
C SER B 100 3.79 2.42 -4.15
N LYS B 101 4.98 2.87 -3.81
CA LYS B 101 5.40 4.25 -4.12
C LYS B 101 5.93 4.47 -5.53
N ILE B 102 6.19 3.40 -6.27
CA ILE B 102 6.60 3.50 -7.65
C ILE B 102 5.42 4.03 -8.47
N PRO B 103 5.61 5.14 -9.19
CA PRO B 103 4.52 5.70 -9.99
C PRO B 103 3.99 4.68 -10.99
N GLY B 104 2.67 4.53 -11.02
CA GLY B 104 2.02 3.55 -11.89
C GLY B 104 1.57 2.27 -11.18
N VAL B 105 2.10 1.99 -9.99
CA VAL B 105 1.64 0.83 -9.20
C VAL B 105 0.34 1.18 -8.50
N ILE B 106 -0.70 0.39 -8.74
CA ILE B 106 -1.98 0.58 -8.04
C ILE B 106 -2.35 -0.58 -7.11
N ASP B 107 -1.60 -1.68 -7.19
CA ASP B 107 -1.74 -2.78 -6.22
C ASP B 107 -0.49 -3.65 -6.28
N CYS B 108 -0.22 -4.34 -5.18
CA CYS B 108 0.99 -5.14 -5.03
C CYS B 108 0.70 -6.26 -4.03
N SER B 109 1.20 -7.46 -4.31
CA SER B 109 1.23 -8.56 -3.36
C SER B 109 2.62 -9.17 -3.34
N VAL B 110 3.12 -9.42 -2.14
CA VAL B 110 4.37 -10.10 -1.94
C VAL B 110 4.17 -11.30 -1.01
N SER B 111 4.66 -12.45 -1.46
CA SER B 111 4.69 -13.67 -0.66
C SER B 111 6.15 -14.14 -0.54
N LEU B 112 6.67 -14.16 0.68
CA LEU B 112 8.05 -14.53 0.95
C LEU B 112 8.17 -15.91 1.55
N ASN B 113 9.20 -16.61 1.10
CA ASN B 113 9.63 -17.90 1.63
C ASN B 113 11.05 -17.69 2.16
N VAL B 114 11.19 -17.45 3.46
CA VAL B 114 12.50 -17.28 4.09
C VAL B 114 12.76 -18.43 5.06
N PRO B 121 17.96 -21.39 1.18
CA PRO B 121 17.73 -20.37 0.15
C PRO B 121 16.30 -19.82 0.20
N SER B 122 16.18 -18.50 0.36
CA SER B 122 14.87 -17.85 0.28
C SER B 122 14.33 -17.84 -1.16
N SER B 123 13.03 -17.56 -1.28
CA SER B 123 12.47 -17.17 -2.56
C SER B 123 11.37 -16.12 -2.32
N ALA B 124 10.96 -15.45 -3.37
CA ALA B 124 9.93 -14.42 -3.28
C ALA B 124 9.05 -14.39 -4.51
N ALA B 125 7.77 -14.16 -4.27
CA ALA B 125 6.80 -13.98 -5.33
C ALA B 125 6.19 -12.58 -5.19
N VAL B 126 6.18 -11.86 -6.31
CA VAL B 126 5.75 -10.48 -6.36
C VAL B 126 4.82 -10.25 -7.55
N LEU B 127 3.61 -9.80 -7.26
CA LEU B 127 2.64 -9.41 -8.25
C LEU B 127 2.38 -7.92 -8.12
N VAL B 128 2.52 -7.22 -9.23
CA VAL B 128 2.31 -5.78 -9.30
C VAL B 128 1.21 -5.50 -10.32
N ILE B 129 0.19 -4.76 -9.90
CA ILE B 129 -0.86 -4.33 -10.81
C ILE B 129 -0.56 -2.88 -11.18
N SER B 130 -0.46 -2.61 -12.46
CA SER B 130 -0.14 -1.25 -12.91
C SER B 130 -1.37 -0.55 -13.47
N SER B 131 -1.34 0.78 -13.44
CA SER B 131 -2.30 1.59 -14.15
C SER B 131 -2.31 1.18 -15.62
N PRO B 132 -3.46 1.26 -16.29
CA PRO B 132 -3.52 0.99 -17.73
C PRO B 132 -2.68 1.94 -18.59
N GLU B 133 -2.35 3.11 -18.04
CA GLU B 133 -1.65 4.16 -18.77
C GLU B 133 -0.14 4.21 -18.49
N VAL B 134 0.39 3.24 -17.73
CA VAL B 134 1.81 3.17 -17.45
C VAL B 134 2.35 1.77 -17.78
N ASN B 135 3.49 1.73 -18.47
CA ASN B 135 4.20 0.48 -18.74
C ASN B 135 5.30 0.30 -17.72
N LEU B 136 5.15 -0.67 -16.82
CA LEU B 136 6.14 -0.91 -15.79
C LEU B 136 7.10 -2.03 -16.18
N ALA B 137 6.96 -2.58 -17.40
CA ALA B 137 7.82 -3.70 -17.82
C ALA B 137 9.30 -3.35 -17.73
N PRO B 138 9.70 -2.13 -18.11
CA PRO B 138 11.11 -1.74 -18.00
C PRO B 138 11.62 -1.60 -16.56
N SER B 139 10.71 -1.61 -15.58
CA SER B 139 11.09 -1.52 -14.17
C SER B 139 11.21 -2.88 -13.47
N VAL B 140 11.02 -3.99 -14.18
CA VAL B 140 11.04 -5.29 -13.54
C VAL B 140 12.37 -5.59 -12.87
N ILE B 141 13.48 -5.25 -13.52
CA ILE B 141 14.80 -5.51 -12.94
C ILE B 141 15.01 -4.67 -11.69
N GLN B 142 14.55 -3.43 -11.71
CA GLN B 142 14.66 -2.58 -10.50
C GLN B 142 13.84 -3.14 -9.34
N ILE B 143 12.62 -3.59 -9.62
CA ILE B 143 11.76 -4.16 -8.61
C ILE B 143 12.39 -5.41 -8.04
N LYS B 144 12.90 -6.27 -8.91
CA LYS B 144 13.60 -7.47 -8.48
C LYS B 144 14.75 -7.15 -7.55
N ASN B 145 15.54 -6.15 -7.87
CA ASN B 145 16.70 -5.79 -7.05
C ASN B 145 16.29 -5.19 -5.68
N LEU B 146 15.21 -4.43 -5.65
CA LEU B 146 14.69 -3.88 -4.40
C LEU B 146 14.23 -5.03 -3.51
N VAL B 147 13.51 -5.97 -4.09
CA VAL B 147 13.05 -7.12 -3.32
C VAL B 147 14.24 -7.94 -2.81
N LYS B 148 15.18 -8.24 -3.71
CA LYS B 148 16.37 -9.01 -3.36
C LYS B 148 17.08 -8.46 -2.12
N ASN B 149 17.29 -7.15 -2.08
CA ASN B 149 18.07 -6.54 -1.00
C ASN B 149 17.28 -6.17 0.25
N SER B 150 15.97 -6.44 0.23
CA SER B 150 15.13 -6.23 1.40
C SER B 150 15.12 -7.44 2.33
N VAL B 151 15.55 -8.59 1.82
CA VAL B 151 15.22 -9.89 2.43
C VAL B 151 16.45 -10.76 2.59
N ASP B 152 16.60 -11.40 3.75
CA ASP B 152 17.74 -12.28 4.00
C ASP B 152 17.87 -13.43 3.01
N ASP B 153 19.08 -13.58 2.46
CA ASP B 153 19.52 -14.71 1.64
C ASP B 153 18.64 -15.00 0.43
N LEU B 154 18.43 -13.96 -0.38
CA LEU B 154 17.58 -14.04 -1.57
C LEU B 154 18.40 -13.74 -2.80
N LYS B 155 18.37 -14.64 -3.78
CA LYS B 155 19.02 -14.44 -5.07
C LYS B 155 17.98 -14.11 -6.14
N LEU B 156 18.41 -13.36 -7.14
CA LEU B 156 17.57 -12.93 -8.28
C LEU B 156 16.79 -14.06 -8.95
N GLU B 157 17.44 -15.21 -9.12
CA GLU B 157 16.87 -16.34 -9.85
C GLU B 157 15.71 -16.99 -9.10
N ASN B 158 15.58 -16.66 -7.82
CA ASN B 158 14.48 -17.14 -6.98
C ASN B 158 13.46 -16.04 -6.63
N ILE B 159 13.37 -15.01 -7.46
CA ILE B 159 12.35 -13.97 -7.34
C ILE B 159 11.54 -13.94 -8.61
N SER B 160 10.23 -14.13 -8.47
CA SER B 160 9.29 -13.93 -9.57
C SER B 160 8.63 -12.57 -9.42
N VAL B 161 8.71 -11.77 -10.46
CA VAL B 161 7.98 -10.51 -10.54
C VAL B 161 7.08 -10.55 -11.74
N VAL B 162 5.77 -10.47 -11.51
CA VAL B 162 4.76 -10.50 -12.55
C VAL B 162 4.02 -9.17 -12.49
N ILE B 163 3.95 -8.49 -13.63
CA ILE B 163 3.24 -7.22 -13.73
C ILE B 163 2.04 -7.39 -14.64
N LYS B 164 0.88 -6.96 -14.17
CA LYS B 164 -0.36 -7.04 -14.93
C LYS B 164 -1.03 -5.71 -14.93
N SER B 165 -1.51 -5.30 -16.09
CA SER B 165 -2.23 -4.05 -16.21
C SER B 165 -3.63 -4.28 -15.73
N SER B 166 -4.19 -3.33 -15.00
CA SER B 166 -5.57 -3.45 -14.54
C SER B 166 -6.56 -3.59 -15.72
N SER B 167 -6.15 -3.19 -16.91
CA SER B 167 -6.98 -3.34 -18.11
C SER B 167 -7.22 -4.80 -18.49
N LYS C 2 -24.79 17.53 -6.63
CA LYS C 2 -23.42 16.99 -6.40
C LYS C 2 -23.45 15.63 -5.73
N GLU C 3 -22.36 14.88 -5.93
CA GLU C 3 -22.27 13.52 -5.44
C GLU C 3 -20.96 13.39 -4.65
N GLN C 4 -21.07 13.03 -3.38
CA GLN C 4 -19.91 12.69 -2.56
C GLN C 4 -19.15 11.54 -3.21
N LEU C 5 -17.84 11.68 -3.37
CA LEU C 5 -16.99 10.56 -3.79
C LEU C 5 -16.39 9.87 -2.60
N TYR C 6 -15.67 10.63 -1.77
CA TYR C 6 -14.93 10.05 -0.66
C TYR C 6 -14.98 10.98 0.55
N THR C 7 -15.09 10.40 1.74
CA THR C 7 -14.97 11.10 3.01
C THR C 7 -13.81 10.53 3.78
N GLY C 8 -13.50 11.17 4.90
CA GLY C 8 -12.51 10.66 5.82
C GLY C 8 -11.07 10.75 5.35
N LEU C 9 -10.81 11.65 4.41
CA LEU C 9 -9.49 11.80 3.80
C LEU C 9 -8.62 12.73 4.65
N THR C 10 -7.32 12.49 4.65
CA THR C 10 -6.38 13.46 5.24
C THR C 10 -6.34 14.67 4.35
N GLU C 11 -5.89 15.79 4.89
CA GLU C 11 -5.76 16.99 4.08
C GLU C 11 -4.82 16.80 2.90
N LYS C 12 -3.69 16.12 3.11
CA LYS C 12 -2.72 15.93 2.03
C LYS C 12 -3.30 15.07 0.90
N GLU C 13 -3.91 13.94 1.25
CA GLU C 13 -4.47 13.05 0.24
C GLU C 13 -5.63 13.72 -0.51
N ALA C 14 -6.50 14.41 0.21
CA ALA C 14 -7.59 15.13 -0.46
C ALA C 14 -7.03 16.14 -1.43
N ASN C 15 -5.96 16.84 -1.04
CA ASN C 15 -5.37 17.83 -1.95
C ASN C 15 -4.81 17.16 -3.21
N GLN C 16 -4.16 16.02 -3.04
CA GLN C 16 -3.58 15.31 -4.18
C GLN C 16 -4.68 14.84 -5.13
N MET C 17 -5.75 14.30 -4.56
CA MET C 17 -6.91 13.82 -5.32
C MET C 17 -7.63 14.96 -6.01
N GLN C 18 -7.84 16.06 -5.29
CA GLN C 18 -8.48 17.25 -5.85
C GLN C 18 -7.68 17.83 -7.02
N ALA C 19 -6.37 18.02 -6.83
CA ALA C 19 -5.50 18.56 -7.89
C ALA C 19 -5.48 17.66 -9.12
N LEU C 20 -5.40 16.35 -8.90
CA LEU C 20 -5.42 15.36 -9.98
C LEU C 20 -6.70 15.50 -10.83
N LEU C 21 -7.85 15.59 -10.17
CA LEU C 21 -9.13 15.71 -10.84
C LEU C 21 -9.23 17.02 -11.60
N LEU C 22 -8.84 18.11 -10.94
CA LEU C 22 -8.90 19.43 -11.56
C LEU C 22 -8.00 19.52 -12.78
N SER C 23 -6.86 18.82 -12.76
CA SER C 23 -5.93 18.87 -13.89
C SER C 23 -6.39 18.02 -15.07
N ASN C 24 -7.34 17.12 -14.80
CA ASN C 24 -8.02 16.34 -15.84
C ASN C 24 -9.43 16.88 -16.16
N ASP C 25 -9.63 18.16 -15.85
CA ASP C 25 -10.84 18.90 -16.18
C ASP C 25 -12.13 18.31 -15.58
N VAL C 26 -12.02 17.83 -14.34
CA VAL C 26 -13.15 17.40 -13.53
C VAL C 26 -13.34 18.40 -12.41
N ASN C 27 -14.46 19.11 -12.42
CA ASN C 27 -14.77 20.03 -11.33
C ASN C 27 -15.03 19.24 -10.06
N VAL C 28 -14.41 19.68 -8.97
CA VAL C 28 -14.49 18.96 -7.72
C VAL C 28 -14.57 19.97 -6.60
N SER C 29 -15.36 19.67 -5.58
CA SER C 29 -15.48 20.52 -4.41
C SER C 29 -15.00 19.73 -3.21
N LYS C 30 -14.52 20.46 -2.20
CA LYS C 30 -13.96 19.89 -1.00
C LYS C 30 -14.53 20.57 0.22
N GLU C 31 -14.80 19.80 1.26
CA GLU C 31 -15.23 20.37 2.54
C GLU C 31 -14.67 19.56 3.69
N MET C 32 -14.60 20.17 4.87
CA MET C 32 -14.15 19.49 6.09
C MET C 32 -15.37 19.12 6.92
N ASP C 33 -15.38 17.91 7.46
CA ASP C 33 -16.49 17.43 8.27
C ASP C 33 -16.17 17.68 9.75
N LYS C 34 -17.07 17.27 10.64
CA LYS C 34 -16.99 17.65 12.06
C LYS C 34 -15.86 16.96 12.82
N SER C 35 -15.31 15.88 12.25
CA SER C 35 -14.14 15.21 12.81
C SER C 35 -12.80 15.76 12.27
N GLY C 36 -12.87 16.70 11.34
CA GLY C 36 -11.66 17.33 10.78
C GLY C 36 -11.09 16.61 9.57
N ASN C 37 -11.87 15.70 8.99
CA ASN C 37 -11.44 14.95 7.80
C ASN C 37 -12.06 15.55 6.55
N MET C 38 -11.46 15.26 5.39
CA MET C 38 -11.87 15.92 4.16
C MET C 38 -12.78 15.02 3.31
N THR C 39 -13.77 15.67 2.70
CA THR C 39 -14.69 15.07 1.76
C THR C 39 -14.54 15.69 0.39
N LEU C 40 -14.45 14.87 -0.66
CA LEU C 40 -14.44 15.35 -2.03
C LEU C 40 -15.73 14.94 -2.74
N SER C 41 -16.25 15.85 -3.55
CA SER C 41 -17.51 15.65 -4.29
C SER C 41 -17.33 16.09 -5.73
N VAL C 42 -18.07 15.45 -6.66
CA VAL C 42 -18.08 15.86 -8.05
C VAL C 42 -19.52 15.84 -8.58
N ALA C 43 -19.72 16.43 -9.74
CA ALA C 43 -21.02 16.38 -10.39
C ALA C 43 -21.28 14.95 -10.79
N ALA C 44 -22.53 14.51 -10.65
CA ALA C 44 -22.94 13.16 -11.06
C ALA C 44 -22.46 12.80 -12.45
N ALA C 45 -22.52 13.75 -13.39
CA ALA C 45 -22.13 13.47 -14.77
C ALA C 45 -20.63 13.18 -14.94
N ASP C 46 -19.84 13.56 -13.95
CA ASP C 46 -18.40 13.27 -13.94
C ASP C 46 -18.01 12.07 -13.07
N PHE C 47 -18.98 11.37 -12.50
CA PHE C 47 -18.68 10.31 -11.53
C PHE C 47 -17.74 9.25 -12.11
N VAL C 48 -18.10 8.68 -13.26
CA VAL C 48 -17.30 7.58 -13.82
C VAL C 48 -15.88 8.02 -14.19
N ARG C 49 -15.79 9.19 -14.81
CA ARG C 49 -14.48 9.71 -15.19
C ARG C 49 -13.61 9.93 -13.97
N ALA C 50 -14.19 10.50 -12.93
CA ALA C 50 -13.46 10.81 -11.69
C ALA C 50 -12.93 9.53 -11.05
N ILE C 51 -13.80 8.53 -10.92
CA ILE C 51 -13.37 7.26 -10.34
C ILE C 51 -12.32 6.58 -11.20
N THR C 52 -12.47 6.63 -12.51
CA THR C 52 -11.48 6.06 -13.43
C THR C 52 -10.11 6.71 -13.21
N ILE C 53 -10.10 8.03 -13.18
CA ILE C 53 -8.85 8.77 -12.94
C ILE C 53 -8.24 8.41 -11.58
N LEU C 54 -9.06 8.44 -10.53
CA LEU C 54 -8.58 8.12 -9.18
C LEU C 54 -8.07 6.67 -9.10
N ASN C 55 -8.84 5.73 -9.66
CA ASN C 55 -8.43 4.32 -9.70
C ASN C 55 -7.07 4.13 -10.37
N ASN C 56 -6.88 4.80 -11.51
CA ASN C 56 -5.67 4.67 -12.32
C ASN C 56 -4.45 5.22 -11.60
N ASN C 57 -4.69 6.11 -10.62
CA ASN C 57 -3.62 6.70 -9.84
C ASN C 57 -3.52 6.12 -8.43
N GLY C 58 -4.31 5.10 -8.16
CA GLY C 58 -4.27 4.36 -6.91
C GLY C 58 -4.84 5.05 -5.69
N PHE C 59 -5.76 6.00 -5.91
CA PHE C 59 -6.43 6.71 -4.83
C PHE C 59 -7.83 6.17 -4.58
N PRO C 60 -8.28 6.15 -3.32
CA PRO C 60 -7.45 6.53 -2.16
C PRO C 60 -6.43 5.46 -1.85
N LYS C 61 -5.30 5.88 -1.33
CA LYS C 61 -4.15 4.99 -1.20
C LYS C 61 -4.40 3.89 -0.17
N LYS C 62 -3.99 2.67 -0.54
CA LYS C 62 -4.03 1.53 0.35
C LYS C 62 -3.09 1.74 1.54
N LYS C 63 -3.47 1.17 2.69
CA LYS C 63 -2.61 1.13 3.86
C LYS C 63 -1.94 -0.25 4.02
N PHE C 64 -0.87 -0.28 4.80
CA PHE C 64 -0.09 -1.49 5.05
C PHE C 64 0.12 -1.69 6.55
N ALA C 65 0.52 -2.91 6.91
CA ALA C 65 0.62 -3.31 8.32
C ALA C 65 1.60 -2.43 9.06
N ASP C 66 1.23 -2.09 10.29
CA ASP C 66 2.01 -1.21 11.15
C ASP C 66 2.74 -2.15 12.12
N ILE C 67 4.05 -1.97 12.26
CA ILE C 67 4.83 -2.78 13.18
C ILE C 67 4.27 -2.71 14.61
N GLU C 68 3.75 -1.56 14.99
CA GLU C 68 3.25 -1.34 16.34
C GLU C 68 1.94 -2.07 16.60
N VAL C 69 1.24 -2.42 15.52
CA VAL C 69 0.04 -3.27 15.62
C VAL C 69 0.40 -4.76 15.62
N ILE C 70 1.24 -5.20 14.69
CA ILE C 70 1.70 -6.59 14.65
C ILE C 70 2.39 -6.96 15.96
N PHE C 71 3.08 -5.99 16.56
CA PHE C 71 3.87 -6.16 17.78
C PHE C 71 3.61 -4.98 18.74
N PRO C 72 2.47 -4.98 19.43
CA PRO C 72 2.08 -3.85 20.29
C PRO C 72 2.90 -3.74 21.59
N SER C 79 10.70 -9.73 23.72
CA SER C 79 10.99 -10.86 22.84
C SER C 79 12.12 -10.51 21.88
N PRO C 80 13.24 -11.24 21.91
CA PRO C 80 14.38 -11.00 21.00
C PRO C 80 14.06 -10.68 19.53
N SER C 81 13.29 -11.53 18.85
CA SER C 81 12.99 -11.27 17.44
C SER C 81 12.10 -10.03 17.26
N GLN C 82 11.17 -9.82 18.18
CA GLN C 82 10.30 -8.64 18.17
C GLN C 82 11.08 -7.35 18.43
N GLU C 83 12.07 -7.47 19.32
CA GLU C 83 12.92 -6.35 19.70
C GLU C 83 13.74 -5.92 18.52
N ASN C 84 14.34 -6.91 17.85
CA ASN C 84 15.21 -6.64 16.71
C ASN C 84 14.45 -6.09 15.52
N ALA C 85 13.19 -6.50 15.36
CA ALA C 85 12.32 -5.92 14.32
C ALA C 85 12.11 -4.44 14.58
N LYS C 86 11.93 -4.09 15.84
CA LYS C 86 11.70 -2.70 16.23
C LYS C 86 12.97 -1.85 16.10
N ILE C 87 14.12 -2.43 16.42
CA ILE C 87 15.42 -1.77 16.23
C ILE C 87 15.70 -1.55 14.73
N ASN C 88 15.39 -2.53 13.91
CA ASN C 88 15.54 -2.41 12.46
C ASN C 88 14.62 -1.32 11.89
N TYR C 89 13.39 -1.29 12.37
CA TYR C 89 12.42 -0.30 11.93
C TYR C 89 12.90 1.11 12.31
N LEU C 90 13.41 1.26 13.53
CA LEU C 90 13.97 2.56 13.93
C LEU C 90 15.09 3.00 12.99
N LYS C 91 15.98 2.08 12.62
CA LYS C 91 17.06 2.42 11.70
C LYS C 91 16.52 2.80 10.33
N GLU C 92 15.53 2.07 9.83
CA GLU C 92 14.92 2.40 8.55
C GLU C 92 14.35 3.83 8.59
N GLN C 93 13.66 4.15 9.65
CA GLN C 93 13.06 5.47 9.83
C GLN C 93 14.12 6.58 9.97
N ASP C 94 15.20 6.29 10.69
CA ASP C 94 16.32 7.24 10.82
C ASP C 94 16.92 7.55 9.45
N ILE C 95 17.10 6.51 8.63
CA ILE C 95 17.70 6.70 7.32
C ILE C 95 16.73 7.46 6.42
N GLU C 96 15.45 7.12 6.47
CA GLU C 96 14.45 7.86 5.69
C GLU C 96 14.46 9.35 6.10
N ARG C 97 14.53 9.60 7.40
CA ARG C 97 14.54 10.99 7.91
C ARG C 97 15.73 11.76 7.36
N LEU C 98 16.90 11.12 7.36
CA LEU C 98 18.13 11.75 6.86
C LEU C 98 18.03 12.00 5.35
N LEU C 99 17.64 10.98 4.59
CA LEU C 99 17.58 11.13 3.12
C LEU C 99 16.53 12.14 2.70
N SER C 100 15.50 12.30 3.52
CA SER C 100 14.43 13.24 3.21
C SER C 100 14.83 14.71 3.37
N LYS C 101 16.01 14.97 3.95
CA LYS C 101 16.58 16.31 3.97
C LYS C 101 17.41 16.67 2.73
N ILE C 102 17.70 15.68 1.89
CA ILE C 102 18.43 15.97 0.64
C ILE C 102 17.54 16.75 -0.32
N PRO C 103 17.97 17.93 -0.79
CA PRO C 103 17.16 18.70 -1.72
C PRO C 103 16.72 17.89 -2.94
N GLY C 104 15.42 17.95 -3.22
CA GLY C 104 14.83 17.17 -4.31
C GLY C 104 14.15 15.88 -3.89
N VAL C 105 14.43 15.36 -2.70
CA VAL C 105 13.75 14.15 -2.23
C VAL C 105 12.38 14.54 -1.71
N ILE C 106 11.32 13.90 -2.22
CA ILE C 106 9.96 14.19 -1.71
C ILE C 106 9.29 12.98 -1.06
N ASP C 107 9.86 11.80 -1.26
CA ASP C 107 9.42 10.61 -0.54
C ASP C 107 10.56 9.60 -0.60
N CYS C 108 10.57 8.66 0.36
CA CYS C 108 11.68 7.72 0.52
C CYS C 108 11.14 6.50 1.26
N SER C 109 11.57 5.31 0.86
CA SER C 109 11.34 4.09 1.62
C SER C 109 12.64 3.33 1.73
N VAL C 110 12.93 2.81 2.93
CA VAL C 110 14.11 1.99 3.16
C VAL C 110 13.65 0.68 3.79
N SER C 111 14.10 -0.44 3.24
CA SER C 111 13.88 -1.75 3.83
C SER C 111 15.24 -2.40 4.05
N LEU C 112 15.56 -2.66 5.30
CA LEU C 112 16.88 -3.16 5.70
C LEU C 112 16.81 -4.63 6.07
N ASN C 113 17.85 -5.35 5.68
CA ASN C 113 18.08 -6.76 6.00
C ASN C 113 19.39 -6.82 6.79
N VAL C 114 19.32 -6.83 8.11
CA VAL C 114 20.50 -6.91 8.97
C VAL C 114 20.52 -8.26 9.69
N PRO C 121 26.03 -10.89 6.38
CA PRO C 121 26.13 -9.72 5.50
C PRO C 121 24.77 -9.03 5.31
N SER C 122 24.66 -7.78 5.75
CA SER C 122 23.44 -7.02 5.56
C SER C 122 23.17 -6.67 4.07
N SER C 123 21.94 -6.26 3.80
CA SER C 123 21.62 -5.65 2.52
C SER C 123 20.55 -4.60 2.77
N ALA C 124 20.35 -3.71 1.81
CA ALA C 124 19.33 -2.68 1.94
C ALA C 124 18.73 -2.31 0.59
N ALA C 125 17.44 -2.00 0.59
CA ALA C 125 16.73 -1.50 -0.58
C ALA C 125 16.23 -0.11 -0.25
N VAL C 126 16.45 0.79 -1.17
CA VAL C 126 16.14 2.22 -0.99
C VAL C 126 15.44 2.74 -2.25
N LEU C 127 14.20 3.20 -2.08
CA LEU C 127 13.47 3.85 -3.14
C LEU C 127 13.36 5.33 -2.80
N VAL C 128 13.76 6.17 -3.73
CA VAL C 128 13.73 7.61 -3.54
C VAL C 128 12.81 8.20 -4.60
N ILE C 129 11.83 9.00 -4.18
CA ILE C 129 10.96 9.71 -5.12
C ILE C 129 11.48 11.14 -5.16
N SER C 130 11.78 11.65 -6.35
CA SER C 130 12.30 12.99 -6.49
C SER C 130 11.24 13.90 -7.04
N SER C 131 11.41 15.19 -6.76
CA SER C 131 10.66 16.22 -7.46
C SER C 131 10.89 16.00 -8.96
N PRO C 132 9.85 16.18 -9.78
CA PRO C 132 10.04 16.10 -11.23
C PRO C 132 11.00 17.16 -11.78
N GLU C 133 11.29 18.19 -11.00
CA GLU C 133 12.15 19.28 -11.43
C GLU C 133 13.62 19.12 -10.99
N VAL C 134 13.91 18.08 -10.22
CA VAL C 134 15.27 17.86 -9.72
C VAL C 134 15.76 16.52 -10.23
N ASN C 135 16.96 16.50 -10.80
CA ASN C 135 17.58 15.26 -11.26
C ASN C 135 18.46 14.70 -10.13
N LEU C 136 18.02 13.61 -9.51
CA LEU C 136 18.77 12.97 -8.42
C LEU C 136 19.64 11.78 -8.85
N ALA C 137 19.61 11.43 -10.14
CA ALA C 137 20.42 10.30 -10.62
C ALA C 137 21.93 10.46 -10.31
N PRO C 138 22.49 11.66 -10.46
CA PRO C 138 23.90 11.85 -10.10
C PRO C 138 24.20 11.69 -8.60
N SER C 139 23.18 11.73 -7.75
CA SER C 139 23.34 11.52 -6.30
C SER C 139 23.24 10.07 -5.82
N VAL C 140 23.07 9.11 -6.73
CA VAL C 140 22.86 7.72 -6.31
C VAL C 140 24.02 7.22 -5.44
N ILE C 141 25.25 7.53 -5.82
CA ILE C 141 26.41 7.07 -5.03
C ILE C 141 26.52 7.77 -3.68
N GLN C 142 26.20 9.05 -3.60
CA GLN C 142 26.15 9.71 -2.31
C GLN C 142 25.11 9.05 -1.42
N ILE C 143 23.92 8.78 -1.97
CA ILE C 143 22.86 8.17 -1.19
C ILE C 143 23.30 6.78 -0.73
N LYS C 144 23.90 6.02 -1.64
CA LYS C 144 24.39 4.69 -1.27
C LYS C 144 25.38 4.74 -0.15
N ASN C 145 26.30 5.71 -0.19
CA ASN C 145 27.33 5.81 0.84
C ASN C 145 26.77 6.23 2.19
N LEU C 146 25.76 7.10 2.17
CA LEU C 146 25.09 7.45 3.40
C LEU C 146 24.41 6.23 4.03
N VAL C 147 23.72 5.44 3.22
CA VAL C 147 23.05 4.27 3.74
C VAL C 147 24.07 3.26 4.27
N LYS C 148 25.12 3.04 3.50
CA LYS C 148 26.16 2.08 3.85
C LYS C 148 26.70 2.32 5.26
N ASN C 149 27.01 3.58 5.54
CA ASN C 149 27.63 3.92 6.80
C ASN C 149 26.66 4.11 7.98
N SER C 150 25.35 4.06 7.71
CA SER C 150 24.36 4.10 8.77
C SER C 150 24.13 2.76 9.46
N VAL C 151 24.51 1.67 8.80
CA VAL C 151 24.01 0.33 9.14
C VAL C 151 25.14 -0.66 9.32
N ASP C 152 25.04 -1.53 10.31
CA ASP C 152 26.08 -2.52 10.57
C ASP C 152 26.27 -3.49 9.41
N ASP C 153 27.53 -3.65 9.04
CA ASP C 153 28.02 -4.66 8.10
C ASP C 153 27.31 -4.64 6.76
N LEU C 154 27.35 -3.49 6.10
CA LEU C 154 26.67 -3.28 4.85
C LEU C 154 27.67 -2.84 3.82
N LYS C 155 27.73 -3.55 2.70
CA LYS C 155 28.59 -3.20 1.59
C LYS C 155 27.79 -2.55 0.48
N LEU C 156 28.47 -1.72 -0.31
CA LEU C 156 27.87 -1.03 -1.45
C LEU C 156 27.16 -1.96 -2.42
N GLU C 157 27.79 -3.09 -2.72
CA GLU C 157 27.27 -4.02 -3.69
C GLU C 157 25.92 -4.63 -3.28
N ASN C 158 25.58 -4.54 -1.99
CA ASN C 158 24.33 -5.06 -1.45
C ASN C 158 23.34 -3.96 -1.07
N ILE C 159 23.45 -2.80 -1.72
CA ILE C 159 22.48 -1.72 -1.56
C ILE C 159 21.89 -1.42 -2.95
N SER C 160 20.56 -1.52 -3.06
CA SER C 160 19.86 -1.07 -4.25
C SER C 160 19.25 0.27 -3.97
N VAL C 161 19.64 1.25 -4.78
CA VAL C 161 19.00 2.56 -4.77
C VAL C 161 18.30 2.79 -6.09
N VAL C 162 16.99 3.00 -6.02
CA VAL C 162 16.20 3.27 -7.19
C VAL C 162 15.57 4.65 -7.00
N ILE C 163 15.71 5.51 -8.02
CA ILE C 163 15.13 6.84 -8.00
C ILE C 163 14.03 6.97 -9.07
N LYS C 164 12.86 7.46 -8.67
CA LYS C 164 11.75 7.69 -9.59
C LYS C 164 11.22 9.12 -9.39
N SER C 165 10.82 9.77 -10.47
CA SER C 165 10.27 11.12 -10.35
C SER C 165 8.81 10.94 -10.05
N SER C 166 8.23 11.81 -9.23
CA SER C 166 6.83 11.62 -8.86
C SER C 166 5.94 11.64 -10.11
N LYS D 2 -12.15 30.77 -2.28
CA LYS D 2 -10.86 30.29 -1.66
C LYS D 2 -10.92 28.78 -1.38
N GLU D 3 -9.82 28.11 -1.71
CA GLU D 3 -9.65 26.68 -1.48
C GLU D 3 -8.66 26.55 -0.32
N GLN D 4 -9.01 25.75 0.67
CA GLN D 4 -8.13 25.44 1.78
C GLN D 4 -6.99 24.53 1.33
N LEU D 5 -5.78 24.83 1.79
CA LEU D 5 -4.62 23.96 1.59
C LEU D 5 -4.45 23.07 2.82
N TYR D 6 -4.07 23.67 3.95
CA TYR D 6 -3.82 22.96 5.21
C TYR D 6 -4.22 23.79 6.41
N THR D 7 -4.65 23.09 7.45
CA THR D 7 -4.92 23.64 8.78
C THR D 7 -3.95 23.01 9.76
N GLY D 8 -3.92 23.56 10.97
CA GLY D 8 -3.15 22.97 12.06
C GLY D 8 -1.66 23.12 11.93
N LEU D 9 -1.22 24.10 11.15
CA LEU D 9 0.19 24.23 10.86
C LEU D 9 0.89 25.00 11.96
N THR D 10 2.12 24.62 12.24
CA THR D 10 2.97 25.42 13.11
C THR D 10 3.31 26.73 12.40
N GLU D 11 3.82 27.67 13.17
CA GLU D 11 4.23 28.96 12.60
C GLU D 11 5.28 28.77 11.54
N LYS D 12 6.25 27.91 11.82
CA LYS D 12 7.36 27.71 10.89
C LYS D 12 6.90 27.04 9.62
N GLU D 13 6.10 25.99 9.73
CA GLU D 13 5.61 25.28 8.53
C GLU D 13 4.78 26.23 7.66
N ALA D 14 3.87 26.95 8.29
CA ALA D 14 3.03 27.89 7.58
C ALA D 14 3.87 28.99 6.93
N ASN D 15 4.84 29.55 7.63
CA ASN D 15 5.67 30.60 7.04
C ASN D 15 6.47 30.10 5.84
N GLN D 16 7.05 28.92 5.95
CA GLN D 16 7.84 28.37 4.85
C GLN D 16 6.97 28.12 3.62
N MET D 17 5.80 27.54 3.83
CA MET D 17 4.89 27.27 2.70
C MET D 17 4.38 28.57 2.11
N GLN D 18 4.02 29.52 2.97
CA GLN D 18 3.47 30.79 2.52
C GLN D 18 4.52 31.57 1.73
N ALA D 19 5.72 31.71 2.27
CA ALA D 19 6.81 32.38 1.56
C ALA D 19 7.12 31.73 0.21
N LEU D 20 7.14 30.40 0.18
CA LEU D 20 7.42 29.68 -1.05
C LEU D 20 6.36 30.01 -2.10
N LEU D 21 5.09 29.98 -1.69
CA LEU D 21 3.98 30.24 -2.62
C LEU D 21 4.00 31.70 -3.10
N LEU D 22 4.21 32.63 -2.17
CA LEU D 22 4.25 34.07 -2.52
C LEU D 22 5.37 34.37 -3.48
N SER D 23 6.50 33.68 -3.34
CA SER D 23 7.65 33.91 -4.20
C SER D 23 7.43 33.39 -5.62
N ASN D 24 6.42 32.52 -5.78
CA ASN D 24 5.98 32.02 -7.08
C ASN D 24 4.72 32.71 -7.57
N ASP D 25 4.39 33.84 -6.97
CA ASP D 25 3.26 34.65 -7.41
C ASP D 25 1.92 33.92 -7.29
N VAL D 26 1.81 33.07 -6.27
CA VAL D 26 0.55 32.45 -5.89
C VAL D 26 -0.07 33.28 -4.77
N ASN D 27 -1.32 33.64 -4.93
CA ASN D 27 -2.07 34.42 -3.94
C ASN D 27 -2.49 33.50 -2.79
N VAL D 28 -1.76 33.59 -1.69
CA VAL D 28 -2.05 32.77 -0.51
C VAL D 28 -2.46 33.65 0.67
N SER D 29 -3.41 33.17 1.44
CA SER D 29 -3.85 33.84 2.64
C SER D 29 -3.69 32.92 3.83
N LYS D 30 -3.36 33.51 4.97
CA LYS D 30 -3.11 32.79 6.20
C LYS D 30 -4.02 33.33 7.28
N GLU D 31 -4.58 32.43 8.08
CA GLU D 31 -5.36 32.80 9.25
C GLU D 31 -4.97 31.94 10.43
N MET D 32 -4.99 32.55 11.61
CA MET D 32 -4.61 31.88 12.83
C MET D 32 -5.89 31.45 13.57
N ASP D 33 -5.93 30.21 14.01
CA ASP D 33 -7.05 29.70 14.81
C ASP D 33 -6.83 30.01 16.29
N LYS D 34 -7.71 29.50 17.15
CA LYS D 34 -7.68 29.83 18.58
C LYS D 34 -6.50 29.20 19.34
N SER D 35 -5.96 28.10 18.81
CA SER D 35 -4.75 27.47 19.38
C SER D 35 -3.44 28.14 18.94
N GLY D 36 -3.53 29.09 18.02
CA GLY D 36 -2.34 29.75 17.48
C GLY D 36 -1.76 29.04 16.26
N ASN D 37 -2.43 27.97 15.83
CA ASN D 37 -2.02 27.25 14.62
C ASN D 37 -2.58 27.91 13.38
N MET D 38 -1.95 27.63 12.24
CA MET D 38 -2.21 28.37 11.04
C MET D 38 -2.93 27.55 9.98
N THR D 39 -3.76 28.24 9.21
CA THR D 39 -4.41 27.72 8.02
C THR D 39 -3.98 28.53 6.81
N LEU D 40 -3.54 27.83 5.75
CA LEU D 40 -3.28 28.44 4.47
C LEU D 40 -4.36 28.10 3.46
N SER D 41 -4.74 29.10 2.66
CA SER D 41 -5.70 28.95 1.56
C SER D 41 -5.23 29.71 0.34
N VAL D 42 -5.77 29.36 -0.82
CA VAL D 42 -5.38 30.00 -2.07
C VAL D 42 -6.63 30.19 -2.91
N ALA D 43 -6.56 31.11 -3.87
CA ALA D 43 -7.60 31.25 -4.88
C ALA D 43 -7.77 29.93 -5.62
N ALA D 44 -9.01 29.56 -5.94
CA ALA D 44 -9.27 28.29 -6.63
C ALA D 44 -8.48 28.15 -7.92
N ALA D 45 -8.29 29.26 -8.63
CA ALA D 45 -7.61 29.26 -9.92
C ALA D 45 -6.12 28.96 -9.76
N ASP D 46 -5.60 29.12 -8.55
CA ASP D 46 -4.21 28.82 -8.22
C ASP D 46 -4.03 27.49 -7.47
N PHE D 47 -5.10 26.79 -7.17
CA PHE D 47 -4.99 25.57 -6.35
C PHE D 47 -4.06 24.52 -6.93
N VAL D 48 -4.23 24.18 -8.21
CA VAL D 48 -3.40 23.13 -8.80
C VAL D 48 -1.92 23.52 -8.79
N ARG D 49 -1.65 24.77 -9.17
CA ARG D 49 -0.29 25.28 -9.19
C ARG D 49 0.31 25.26 -7.78
N ALA D 50 -0.49 25.62 -6.78
CA ALA D 50 -0.03 25.64 -5.40
C ALA D 50 0.35 24.24 -4.90
N ILE D 51 -0.51 23.27 -5.16
CA ILE D 51 -0.24 21.91 -4.75
C ILE D 51 1.01 21.34 -5.47
N THR D 52 1.20 21.70 -6.73
CA THR D 52 2.38 21.25 -7.48
C THR D 52 3.65 21.79 -6.82
N ILE D 53 3.64 23.09 -6.52
CA ILE D 53 4.78 23.73 -5.88
C ILE D 53 5.05 23.14 -4.51
N LEU D 54 4.01 22.94 -3.70
CA LEU D 54 4.22 22.35 -2.39
C LEU D 54 4.72 20.91 -2.50
N ASN D 55 4.11 20.15 -3.39
CA ASN D 55 4.52 18.75 -3.60
C ASN D 55 6.00 18.65 -4.02
N ASN D 56 6.39 19.48 -4.98
CA ASN D 56 7.74 19.45 -5.56
C ASN D 56 8.78 19.84 -4.51
N ASN D 57 8.36 20.58 -3.49
CA ASN D 57 9.25 21.05 -2.44
C ASN D 57 9.14 20.28 -1.13
N GLY D 58 8.35 19.20 -1.15
CA GLY D 58 8.24 18.29 -0.04
C GLY D 58 7.41 18.77 1.13
N PHE D 59 6.45 19.66 0.85
CA PHE D 59 5.54 20.18 1.87
C PHE D 59 4.13 19.60 1.76
N PRO D 60 3.46 19.34 2.89
CA PRO D 60 4.03 19.48 4.23
C PRO D 60 5.03 18.37 4.58
N LYS D 61 5.97 18.68 5.47
CA LYS D 61 7.05 17.77 5.78
C LYS D 61 6.52 16.56 6.52
N LYS D 62 6.96 15.38 6.10
CA LYS D 62 6.46 14.19 6.76
C LYS D 62 7.22 13.94 8.04
N LYS D 63 6.54 13.27 8.97
CA LYS D 63 7.10 12.85 10.24
C LYS D 63 7.64 11.42 10.12
N PHE D 64 8.62 11.10 10.94
CA PHE D 64 9.17 9.76 11.00
C PHE D 64 9.09 9.23 12.44
N ALA D 65 9.35 7.94 12.61
CA ALA D 65 9.18 7.30 13.92
C ALA D 65 10.05 7.96 14.98
N ASP D 66 9.46 8.12 16.15
CA ASP D 66 10.10 8.72 17.29
C ASP D 66 10.57 7.57 18.18
N ILE D 67 11.85 7.55 18.53
CA ILE D 67 12.38 6.49 19.39
C ILE D 67 11.62 6.39 20.72
N GLU D 68 11.16 7.52 21.24
CA GLU D 68 10.44 7.55 22.51
C GLU D 68 9.02 6.99 22.43
N VAL D 69 8.51 6.87 21.20
CA VAL D 69 7.23 6.20 20.96
C VAL D 69 7.42 4.70 20.74
N ILE D 70 8.39 4.32 19.90
CA ILE D 70 8.73 2.92 19.67
C ILE D 70 9.18 2.21 20.96
N PHE D 71 9.93 2.92 21.79
CA PHE D 71 10.44 2.40 23.06
C PHE D 71 10.12 3.38 24.20
N PRO D 72 8.86 3.40 24.66
CA PRO D 72 8.41 4.39 25.66
C PRO D 72 8.80 4.05 27.11
N SER D 79 15.90 -3.10 28.85
CA SER D 79 16.47 -4.09 27.93
C SER D 79 17.81 -3.59 27.39
N PRO D 80 18.83 -4.44 27.33
CA PRO D 80 20.14 -4.05 26.78
C PRO D 80 20.11 -3.40 25.39
N SER D 81 19.41 -4.02 24.43
CA SER D 81 19.40 -3.50 23.07
C SER D 81 18.60 -2.20 22.95
N GLN D 82 17.55 -2.08 23.76
CA GLN D 82 16.73 -0.87 23.81
C GLN D 82 17.52 0.30 24.42
N GLU D 83 18.24 -0.01 25.50
CA GLU D 83 19.08 0.97 26.15
C GLU D 83 20.14 1.51 25.22
N ASN D 84 20.78 0.59 24.50
CA ASN D 84 21.84 0.94 23.58
C ASN D 84 21.32 1.79 22.42
N ALA D 85 20.07 1.56 21.98
CA ALA D 85 19.49 2.38 20.91
C ALA D 85 19.28 3.80 21.41
N LYS D 86 18.91 3.94 22.69
CA LYS D 86 18.70 5.25 23.29
C LYS D 86 20.03 5.96 23.50
N ILE D 87 21.06 5.24 23.91
CA ILE D 87 22.41 5.79 24.04
C ILE D 87 22.94 6.26 22.67
N ASN D 88 22.71 5.46 21.62
CA ASN D 88 23.14 5.81 20.27
C ASN D 88 22.43 7.07 19.80
N TYR D 89 21.15 7.16 20.08
CA TYR D 89 20.33 8.29 19.67
C TYR D 89 20.79 9.57 20.37
N LEU D 90 21.05 9.47 21.66
CA LEU D 90 21.64 10.60 22.39
C LEU D 90 22.95 11.07 21.77
N LYS D 91 23.84 10.15 21.40
CA LYS D 91 25.07 10.53 20.75
C LYS D 91 24.81 11.21 19.40
N GLU D 92 23.92 10.65 18.60
CA GLU D 92 23.58 11.27 17.32
C GLU D 92 23.10 12.72 17.52
N GLN D 93 22.24 12.91 18.51
CA GLN D 93 21.69 14.23 18.83
C GLN D 93 22.76 15.19 19.34
N ASP D 94 23.67 14.68 20.16
CA ASP D 94 24.79 15.48 20.66
C ASP D 94 25.69 15.95 19.52
N ILE D 95 25.94 15.08 18.54
CA ILE D 95 26.78 15.45 17.41
C ILE D 95 26.07 16.45 16.49
N GLU D 96 24.78 16.23 16.26
CA GLU D 96 23.97 17.19 15.50
C GLU D 96 23.98 18.56 16.18
N ARG D 97 23.83 18.57 17.50
CA ARG D 97 23.79 19.81 18.26
C ARG D 97 25.09 20.58 18.09
N LEU D 98 26.21 19.85 18.17
CA LEU D 98 27.55 20.43 18.04
C LEU D 98 27.78 20.96 16.62
N LEU D 99 27.52 20.14 15.62
CA LEU D 99 27.75 20.54 14.23
C LEU D 99 26.86 21.71 13.83
N SER D 100 25.70 21.81 14.46
CA SER D 100 24.75 22.86 14.10
C SER D 100 25.18 24.24 14.60
N LYS D 101 26.23 24.29 15.41
CA LYS D 101 26.83 25.58 15.81
C LYS D 101 27.86 26.11 14.82
N ILE D 102 28.26 25.29 13.84
CA ILE D 102 29.16 25.80 12.81
C ILE D 102 28.44 26.84 11.97
N PRO D 103 28.98 28.07 11.86
CA PRO D 103 28.29 29.09 11.08
C PRO D 103 28.09 28.63 9.65
N GLY D 104 26.86 28.79 9.18
CA GLY D 104 26.48 28.34 7.85
C GLY D 104 25.76 27.02 7.83
N VAL D 105 25.82 26.23 8.91
CA VAL D 105 25.03 25.01 8.99
C VAL D 105 23.59 25.35 9.40
N ILE D 106 22.61 24.91 8.62
CA ILE D 106 21.21 25.17 8.94
C ILE D 106 20.38 23.92 9.21
N ASP D 107 20.91 22.73 8.89
CA ASP D 107 20.26 21.48 9.25
C ASP D 107 21.35 20.38 9.21
N CYS D 108 21.17 19.33 10.00
CA CYS D 108 22.17 18.27 10.15
C CYS D 108 21.46 16.98 10.52
N SER D 109 21.86 15.86 9.90
CA SER D 109 21.45 14.55 10.34
C SER D 109 22.67 13.67 10.49
N VAL D 110 22.71 12.92 11.58
CA VAL D 110 23.76 11.95 11.85
C VAL D 110 23.11 10.62 12.14
N SER D 111 23.55 9.58 11.41
CA SER D 111 23.14 8.23 11.72
C SER D 111 24.39 7.42 12.05
N LEU D 112 24.44 6.89 13.27
CA LEU D 112 25.59 6.13 13.77
C LEU D 112 25.35 4.63 13.78
N ASN D 113 26.40 3.91 13.41
CA ASN D 113 26.49 2.45 13.49
C ASN D 113 27.64 2.16 14.47
N VAL D 114 27.32 1.87 15.72
CA VAL D 114 28.32 1.54 16.75
C VAL D 114 28.09 0.10 17.22
N PRO D 121 33.84 -2.48 14.09
CA PRO D 121 34.27 -1.17 13.58
C PRO D 121 33.08 -0.25 13.27
N SER D 122 32.97 0.86 13.98
CA SER D 122 31.87 1.79 13.79
C SER D 122 31.87 2.44 12.39
N SER D 123 30.74 3.03 12.03
CA SER D 123 30.67 3.92 10.88
C SER D 123 29.64 5.00 11.17
N ALA D 124 29.65 6.06 10.38
CA ALA D 124 28.72 7.16 10.58
C ALA D 124 28.37 7.80 9.26
N ALA D 125 27.10 8.18 9.12
CA ALA D 125 26.61 8.95 7.97
C ALA D 125 26.23 10.32 8.48
N VAL D 126 26.70 11.36 7.79
CA VAL D 126 26.51 12.74 8.21
C VAL D 126 26.05 13.56 7.01
N LEU D 127 24.85 14.13 7.11
CA LEU D 127 24.32 15.03 6.10
C LEU D 127 24.22 16.42 6.70
N VAL D 128 24.83 17.39 6.02
CA VAL D 128 24.84 18.77 6.49
C VAL D 128 24.23 19.65 5.40
N ILE D 129 23.26 20.46 5.79
CA ILE D 129 22.64 21.41 4.89
C ILE D 129 23.19 22.78 5.25
N SER D 130 23.69 23.50 4.26
CA SER D 130 24.20 24.83 4.47
C SER D 130 23.31 25.93 3.91
N SER D 131 23.53 27.12 4.43
CA SER D 131 22.99 28.33 3.81
C SER D 131 23.42 28.33 2.32
N PRO D 132 22.57 28.84 1.44
CA PRO D 132 22.95 28.95 0.03
C PRO D 132 24.17 29.84 -0.21
N GLU D 133 24.43 30.78 0.70
CA GLU D 133 25.53 31.73 0.52
C GLU D 133 26.85 31.25 1.11
N VAL D 134 26.89 30.01 1.63
CA VAL D 134 28.06 29.48 2.32
C VAL D 134 28.52 28.20 1.58
N ASN D 135 29.83 28.03 1.44
CA ASN D 135 30.41 26.76 0.96
C ASN D 135 31.15 26.10 2.10
N LEU D 136 30.62 24.98 2.58
CA LEU D 136 31.17 24.27 3.72
C LEU D 136 32.23 23.24 3.29
N ALA D 137 32.53 23.15 2.00
CA ALA D 137 33.51 22.14 1.56
C ALA D 137 34.84 22.23 2.31
N PRO D 138 35.40 23.41 2.56
CA PRO D 138 36.65 23.49 3.34
C PRO D 138 36.54 22.98 4.78
N SER D 139 35.33 22.89 5.32
CA SER D 139 35.10 22.38 6.67
C SER D 139 34.85 20.87 6.75
N VAL D 140 34.82 20.16 5.63
CA VAL D 140 34.53 18.73 5.68
C VAL D 140 35.54 17.94 6.50
N ILE D 141 36.82 18.23 6.33
CA ILE D 141 37.85 17.55 7.11
C ILE D 141 37.67 17.81 8.63
N GLN D 142 37.28 19.03 9.01
CA GLN D 142 37.01 19.36 10.39
C GLN D 142 35.79 18.63 10.92
N ILE D 143 34.73 18.63 10.13
CA ILE D 143 33.52 17.90 10.51
C ILE D 143 33.80 16.43 10.74
N LYS D 144 34.55 15.80 9.84
CA LYS D 144 34.85 14.40 9.99
C LYS D 144 35.66 14.15 11.26
N ASN D 145 36.61 15.02 11.55
CA ASN D 145 37.43 14.86 12.75
C ASN D 145 36.61 15.05 14.03
N LEU D 146 35.68 16.00 14.05
CA LEU D 146 34.76 16.16 15.18
C LEU D 146 33.88 14.92 15.41
N VAL D 147 33.31 14.37 14.33
CA VAL D 147 32.49 13.18 14.43
C VAL D 147 33.35 11.99 14.88
N LYS D 148 34.53 11.84 14.30
CA LYS D 148 35.42 10.74 14.64
C LYS D 148 35.69 10.68 16.14
N ASN D 149 36.01 11.83 16.72
CA ASN D 149 36.43 11.86 18.11
C ASN D 149 35.29 11.97 19.11
N SER D 150 34.05 12.00 18.61
CA SER D 150 32.86 11.96 19.45
C SER D 150 32.40 10.57 19.83
N VAL D 151 32.85 9.56 19.08
CA VAL D 151 32.18 8.27 18.99
C VAL D 151 33.20 7.16 19.16
N ASP D 152 32.86 6.14 19.92
CA ASP D 152 33.73 4.99 20.13
C ASP D 152 34.13 4.28 18.84
N ASP D 153 35.43 4.11 18.65
CA ASP D 153 36.02 3.21 17.68
C ASP D 153 35.59 3.52 16.25
N LEU D 154 35.77 4.78 15.84
CA LEU D 154 35.36 5.26 14.53
C LEU D 154 36.59 5.78 13.79
N LYS D 155 36.78 5.28 12.57
CA LYS D 155 37.85 5.75 11.70
C LYS D 155 37.30 6.68 10.62
N LEU D 156 38.15 7.59 10.17
CA LEU D 156 37.84 8.56 9.11
C LEU D 156 37.27 7.93 7.85
N GLU D 157 37.84 6.79 7.44
CA GLU D 157 37.43 6.12 6.21
C GLU D 157 35.98 5.60 6.28
N ASN D 158 35.43 5.48 7.49
CA ASN D 158 34.08 4.98 7.68
C ASN D 158 33.10 6.09 8.12
N ILE D 159 33.41 7.33 7.79
CA ILE D 159 32.48 8.45 7.97
C ILE D 159 32.17 9.05 6.61
N SER D 160 30.89 9.08 6.25
CA SER D 160 30.46 9.68 5.01
C SER D 160 29.90 11.05 5.37
N VAL D 161 30.44 12.11 4.77
CA VAL D 161 29.90 13.46 4.93
C VAL D 161 29.40 13.94 3.58
N VAL D 162 28.13 14.34 3.55
CA VAL D 162 27.54 14.92 2.36
C VAL D 162 27.07 16.31 2.74
N ILE D 163 27.43 17.29 1.94
CA ILE D 163 27.00 18.69 2.16
C ILE D 163 26.17 19.18 0.99
N LYS D 164 25.02 19.80 1.29
CA LYS D 164 24.15 20.36 0.27
C LYS D 164 23.68 21.76 0.68
N SER D 165 23.57 22.66 -0.28
CA SER D 165 22.92 23.95 -0.09
C SER D 165 21.42 23.76 0.01
N SER D 166 20.74 24.52 0.87
CA SER D 166 19.30 24.42 0.97
C SER D 166 18.64 24.81 -0.37
N SER D 167 19.33 25.60 -1.19
CA SER D 167 18.80 26.05 -2.48
C SER D 167 18.81 24.95 -3.56
N GLY D 168 19.43 23.81 -3.28
CA GLY D 168 19.31 22.64 -4.14
C GLY D 168 20.60 21.99 -4.59
N GLN D 169 20.44 20.95 -5.42
CA GLN D 169 21.55 20.10 -5.90
C GLN D 169 22.59 20.86 -6.70
N ASP D 170 22.18 21.94 -7.36
CA ASP D 170 23.09 22.74 -8.17
C ASP D 170 23.79 23.88 -7.41
N GLY D 171 23.55 23.98 -6.11
CA GLY D 171 24.20 24.98 -5.26
C GLY D 171 23.21 26.04 -4.79
P PO4 E . -11.32 -20.35 0.23
O1 PO4 E . -10.88 -18.89 0.19
O2 PO4 E . -12.33 -20.62 -0.86
O3 PO4 E . -11.97 -20.62 1.57
O4 PO4 E . -10.09 -21.20 0.07
C1 GOL F . -48.42 -18.78 -8.82
O1 GOL F . -47.53 -19.61 -9.55
C2 GOL F . -49.72 -19.51 -8.47
O2 GOL F . -50.51 -18.68 -7.61
C3 GOL F . -50.52 -19.82 -9.73
O3 GOL F . -51.75 -20.49 -9.42
P PO4 G . -2.49 -6.77 0.92
O1 PO4 G . -2.02 -5.35 1.15
O2 PO4 G . -3.31 -6.81 -0.37
O3 PO4 G . -3.36 -7.23 2.08
O4 PO4 G . -1.30 -7.68 0.78
P PO4 H . 7.17 5.27 5.51
O1 PO4 H . 7.69 6.35 6.42
O2 PO4 H . 6.61 5.86 4.23
O3 PO4 H . 6.06 4.53 6.24
O4 PO4 H . 8.32 4.32 5.22
P PO4 I . 16.61 15.64 13.71
O1 PO4 I . 17.05 16.68 14.73
O2 PO4 I . 16.27 16.34 12.42
O3 PO4 I . 15.37 14.93 14.24
O4 PO4 I . 17.70 14.63 13.53
C1 GOL J . 32.29 10.40 0.83
O1 GOL J . 31.38 9.43 1.35
C2 GOL J . 32.27 11.67 1.68
O2 GOL J . 32.59 11.40 3.01
C3 GOL J . 33.30 12.69 1.17
O3 GOL J . 33.17 13.91 1.88
#